data_3SRW
#
_entry.id   3SRW
#
_cell.length_a   79.287
_cell.length_b   79.287
_cell.length_c   107.354
_cell.angle_alpha   90.000
_cell.angle_beta   90.000
_cell.angle_gamma   120.000
#
_symmetry.space_group_name_H-M   'P 61 2 2'
#
loop_
_entity.id
_entity.type
_entity.pdbx_description
1 polymer 'Dihydrofolate reductase'
2 non-polymer 7-(2-ethoxynaphthalen-1-yl)-6-methylquinazoline-2,4-diamine
3 non-polymer 'NADP NICOTINAMIDE-ADENINE-DINUCLEOTIDE PHOSPHATE'
4 water water
#
_entity_poly.entity_id   1
_entity_poly.type   'polypeptide(L)'
_entity_poly.pdbx_seq_one_letter_code
;MTLSILVAHDLQRVIGFENQLPWHLPNDLKHVKKLSTGHTLVMGRKTFESIGKPLPNRRNVVLTSDTSFNVEGVDVIHSI
EDIYQLPGHVFIFGGQTLFEEMIDKVDDMYITVIEGKFRGDTFFPPYTFEDWEVASSVEGKLDEKNTIPHTFLHLIRKKL
EHHHHHH
;
_entity_poly.pdbx_strand_id   X
#
loop_
_chem_comp.id
_chem_comp.type
_chem_comp.name
_chem_comp.formula
NAP non-polymer 'NADP NICOTINAMIDE-ADENINE-DINUCLEOTIDE PHOSPHATE' 'C21 H28 N7 O17 P3'
Q27 non-polymer 7-(2-ethoxynaphthalen-1-yl)-6-methylquinazoline-2,4-diamine 'C21 H20 N4 O'
#
# COMPACT_ATOMS: atom_id res chain seq x y z
N THR A 2 -9.29 6.94 10.75
CA THR A 2 -8.07 7.38 10.05
C THR A 2 -7.97 6.67 8.70
N LEU A 3 -7.57 7.43 7.69
CA LEU A 3 -7.41 6.91 6.34
C LEU A 3 -5.96 7.16 5.96
N SER A 4 -5.25 6.07 5.70
CA SER A 4 -3.81 6.13 5.42
C SER A 4 -3.49 5.45 4.08
N ILE A 5 -2.41 5.87 3.46
CA ILE A 5 -1.80 5.06 2.40
C ILE A 5 -0.72 4.16 3.02
N LEU A 6 -0.62 2.95 2.46
CA LEU A 6 0.48 2.06 2.77
C LEU A 6 1.11 1.72 1.42
N VAL A 7 2.43 1.93 1.28
CA VAL A 7 3.08 1.66 -0.02
C VAL A 7 4.58 1.37 0.17
N ALA A 8 5.13 0.52 -0.70
CA ALA A 8 6.58 0.38 -0.88
C ALA A 8 6.92 0.93 -2.27
N HIS A 9 7.81 1.91 -2.32
CA HIS A 9 8.25 2.38 -3.66
C HIS A 9 9.76 2.59 -3.70
N ASP A 10 10.35 2.50 -4.89
CA ASP A 10 11.79 2.61 -4.99
C ASP A 10 12.24 4.06 -5.20
N LEU A 11 13.51 4.26 -5.49
CA LEU A 11 14.08 5.60 -5.60
C LEU A 11 13.42 6.47 -6.67
N GLN A 12 12.77 5.81 -7.63
CA GLN A 12 12.12 6.48 -8.76
C GLN A 12 10.59 6.27 -8.73
N ARG A 13 10.12 5.86 -7.55
CA ARG A 13 8.70 5.62 -7.24
C ARG A 13 8.07 4.41 -7.97
N VAL A 14 8.90 3.53 -8.50
CA VAL A 14 8.36 2.24 -8.98
C VAL A 14 7.67 1.49 -7.85
N ILE A 15 6.48 0.95 -8.11
CA ILE A 15 5.79 0.07 -7.16
C ILE A 15 5.56 -1.37 -7.64
N GLY A 16 5.67 -1.62 -8.95
CA GLY A 16 5.27 -2.92 -9.46
C GLY A 16 5.85 -3.20 -10.84
N PHE A 17 5.88 -4.48 -11.17
CA PHE A 17 6.26 -4.90 -12.50
C PHE A 17 5.52 -6.21 -12.78
N GLU A 18 4.80 -6.23 -13.90
CA GLU A 18 4.05 -7.41 -14.30
C GLU A 18 3.18 -7.99 -13.17
N ASN A 19 2.46 -7.08 -12.52
CA ASN A 19 1.49 -7.43 -11.47
C ASN A 19 2.09 -8.06 -10.21
N GLN A 20 3.38 -7.84 -9.99
CA GLN A 20 4.00 -8.30 -8.75
C GLN A 20 4.97 -7.24 -8.27
N LEU A 21 5.51 -7.43 -7.07
CA LEU A 21 6.58 -6.54 -6.59
C LEU A 21 7.89 -6.77 -7.35
N PRO A 22 8.61 -5.68 -7.67
CA PRO A 22 9.91 -5.86 -8.33
C PRO A 22 11.00 -6.46 -7.43
N TRP A 23 10.76 -6.48 -6.12
CA TRP A 23 11.80 -6.84 -5.16
C TRP A 23 11.33 -7.95 -4.25
N HIS A 24 12.30 -8.67 -3.70
CA HIS A 24 12.03 -9.62 -2.64
C HIS A 24 12.51 -9.01 -1.32
N LEU A 25 11.58 -8.64 -0.44
CA LEU A 25 11.94 -8.00 0.80
C LEU A 25 11.03 -8.46 1.95
N PRO A 26 11.33 -9.63 2.55
CA PRO A 26 10.48 -10.18 3.62
C PRO A 26 10.14 -9.17 4.72
N ASN A 27 11.11 -8.33 5.11
CA ASN A 27 10.86 -7.34 6.16
C ASN A 27 9.75 -6.33 5.82
N ASP A 28 9.57 -5.98 4.54
CA ASP A 28 8.45 -5.09 4.17
C ASP A 28 7.12 -5.79 4.40
N LEU A 29 7.05 -7.09 4.08
CA LEU A 29 5.81 -7.81 4.29
C LEU A 29 5.52 -7.89 5.79
N LYS A 30 6.57 -8.07 6.60
CA LYS A 30 6.38 -8.06 8.06
C LYS A 30 5.83 -6.70 8.56
N HIS A 31 6.37 -5.62 7.99
CA HIS A 31 5.94 -4.25 8.26
C HIS A 31 4.45 -4.06 7.95
N VAL A 32 4.04 -4.54 6.79
CA VAL A 32 2.64 -4.53 6.37
C VAL A 32 1.78 -5.28 7.40
N LYS A 33 2.25 -6.47 7.78
CA LYS A 33 1.51 -7.29 8.74
C LYS A 33 1.33 -6.53 10.05
N LYS A 34 2.41 -5.92 10.55
CA LYS A 34 2.36 -5.25 11.84
C LYS A 34 1.40 -4.04 11.81
N LEU A 35 1.47 -3.25 10.75
CA LEU A 35 0.62 -2.06 10.65
C LEU A 35 -0.87 -2.34 10.44
N SER A 36 -1.19 -3.34 9.61
CA SER A 36 -2.57 -3.55 9.13
C SER A 36 -3.34 -4.68 9.80
N THR A 37 -2.66 -5.57 10.54
CA THR A 37 -3.38 -6.63 11.28
C THR A 37 -4.40 -5.99 12.23
N GLY A 38 -5.63 -6.48 12.14
CA GLY A 38 -6.70 -5.95 12.99
C GLY A 38 -7.38 -4.71 12.44
N HIS A 39 -6.99 -4.30 11.24
CA HIS A 39 -7.50 -3.07 10.60
C HIS A 39 -8.12 -3.38 9.24
N THR A 40 -8.19 -2.39 8.35
CA THR A 40 -8.85 -2.60 7.06
C THR A 40 -7.89 -2.24 5.93
N LEU A 41 -7.82 -3.12 4.92
CA LEU A 41 -7.10 -2.84 3.68
C LEU A 41 -8.12 -2.63 2.56
N VAL A 42 -7.93 -1.56 1.79
CA VAL A 42 -8.69 -1.33 0.56
C VAL A 42 -7.73 -1.40 -0.63
N MET A 43 -8.05 -2.26 -1.59
CA MET A 43 -7.14 -2.48 -2.70
C MET A 43 -7.90 -2.59 -4.03
N GLY A 44 -7.21 -2.28 -5.12
CA GLY A 44 -7.82 -2.47 -6.43
C GLY A 44 -7.87 -3.94 -6.80
N ARG A 45 -8.62 -4.23 -7.85
CA ARG A 45 -8.85 -5.62 -8.28
C ARG A 45 -7.56 -6.32 -8.69
N LYS A 46 -6.66 -5.60 -9.37
CA LYS A 46 -5.43 -6.21 -9.87
C LYS A 46 -4.56 -6.60 -8.68
N THR A 47 -4.44 -5.71 -7.71
CA THR A 47 -3.66 -6.00 -6.51
C THR A 47 -4.22 -7.23 -5.79
N PHE A 48 -5.54 -7.30 -5.72
CA PHE A 48 -6.15 -8.48 -5.11
C PHE A 48 -5.77 -9.76 -5.86
N GLU A 49 -5.91 -9.75 -7.18
CA GLU A 49 -5.59 -10.94 -7.95
C GLU A 49 -4.11 -11.30 -7.81
N SER A 50 -3.25 -10.29 -7.60
CA SER A 50 -1.82 -10.49 -7.35
C SER A 50 -1.54 -11.29 -6.08
N ILE A 51 -2.26 -10.96 -5.00
CA ILE A 51 -2.07 -11.66 -3.75
C ILE A 51 -2.83 -12.99 -3.78
N GLY A 52 -3.93 -13.02 -4.53
CA GLY A 52 -4.63 -14.30 -4.84
C GLY A 52 -5.68 -14.73 -3.82
N LYS A 53 -5.51 -14.29 -2.57
CA LYS A 53 -6.44 -14.59 -1.47
C LYS A 53 -6.39 -13.43 -0.46
N PRO A 54 -7.45 -13.24 0.34
CA PRO A 54 -7.39 -12.16 1.32
C PRO A 54 -6.29 -12.41 2.36
N LEU A 55 -5.71 -11.34 2.88
CA LEU A 55 -4.71 -11.46 3.91
C LEU A 55 -5.41 -11.73 5.25
N PRO A 56 -4.91 -12.71 6.03
CA PRO A 56 -5.57 -13.06 7.29
C PRO A 56 -5.54 -11.96 8.34
N ASN A 57 -6.53 -11.99 9.23
CA ASN A 57 -6.57 -11.17 10.45
C ASN A 57 -6.74 -9.67 10.21
N ARG A 58 -7.33 -9.34 9.07
CA ARG A 58 -7.75 -7.97 8.80
C ARG A 58 -8.90 -7.99 7.82
N ARG A 59 -9.61 -6.88 7.72
CA ARG A 59 -10.68 -6.78 6.74
C ARG A 59 -10.07 -6.47 5.39
N ASN A 60 -10.38 -7.33 4.41
CA ASN A 60 -9.95 -7.12 3.02
C ASN A 60 -11.08 -6.57 2.17
N VAL A 61 -10.88 -5.36 1.65
CA VAL A 61 -11.90 -4.71 0.82
C VAL A 61 -11.33 -4.51 -0.58
N VAL A 62 -12.07 -4.97 -1.59
CA VAL A 62 -11.61 -4.86 -2.97
C VAL A 62 -12.51 -3.91 -3.76
N LEU A 63 -11.87 -2.94 -4.43
CA LEU A 63 -12.54 -2.01 -5.32
C LEU A 63 -12.46 -2.50 -6.76
N THR A 64 -13.63 -2.72 -7.37
CA THR A 64 -13.74 -3.24 -8.72
C THR A 64 -15.06 -2.78 -9.35
N SER A 65 -15.09 -2.62 -10.67
CA SER A 65 -16.35 -2.40 -11.37
C SER A 65 -17.12 -3.69 -11.60
N ASP A 66 -16.49 -4.84 -11.33
CA ASP A 66 -17.08 -6.14 -11.65
C ASP A 66 -18.20 -6.49 -10.69
N THR A 67 -19.43 -6.47 -11.20
CA THR A 67 -20.60 -6.71 -10.35
C THR A 67 -20.81 -8.18 -10.03
N SER A 68 -20.04 -9.03 -10.70
CA SER A 68 -20.02 -10.45 -10.40
C SER A 68 -18.99 -10.82 -9.32
N PHE A 69 -18.20 -9.84 -8.88
CA PHE A 69 -17.20 -10.08 -7.86
C PHE A 69 -17.87 -10.36 -6.52
N ASN A 70 -17.68 -11.58 -6.04
CA ASN A 70 -18.20 -11.95 -4.73
C ASN A 70 -17.34 -13.08 -4.16
N VAL A 71 -16.23 -12.70 -3.53
CA VAL A 71 -15.21 -13.65 -3.10
C VAL A 71 -15.28 -13.88 -1.59
N GLU A 72 -15.20 -15.14 -1.16
CA GLU A 72 -15.20 -15.46 0.28
C GLU A 72 -14.07 -14.74 1.02
N GLY A 73 -14.41 -14.13 2.16
CA GLY A 73 -13.44 -13.45 3.01
C GLY A 73 -13.03 -12.07 2.52
N VAL A 74 -13.71 -11.59 1.47
CA VAL A 74 -13.45 -10.29 0.89
C VAL A 74 -14.74 -9.50 0.82
N ASP A 75 -14.68 -8.24 1.20
CA ASP A 75 -15.81 -7.34 1.02
C ASP A 75 -15.54 -6.53 -0.24
N VAL A 76 -16.58 -6.31 -1.04
CA VAL A 76 -16.41 -5.59 -2.28
C VAL A 76 -17.06 -4.22 -2.20
N ILE A 77 -16.41 -3.25 -2.85
CA ILE A 77 -16.96 -1.91 -3.05
C ILE A 77 -16.79 -1.55 -4.52
N HIS A 78 -17.61 -0.63 -5.01
CA HIS A 78 -17.66 -0.32 -6.44
C HIS A 78 -17.41 1.16 -6.76
N SER A 79 -17.13 1.93 -5.70
CA SER A 79 -16.91 3.36 -5.81
C SER A 79 -15.86 3.82 -4.81
N ILE A 80 -15.06 4.80 -5.21
CA ILE A 80 -14.15 5.47 -4.26
C ILE A 80 -14.91 5.97 -3.04
N GLU A 81 -16.13 6.48 -3.26
CA GLU A 81 -16.92 7.09 -2.19
C GLU A 81 -17.30 6.08 -1.09
N ASP A 82 -17.37 4.80 -1.45
CA ASP A 82 -17.59 3.72 -0.50
C ASP A 82 -16.52 3.65 0.58
N ILE A 83 -15.29 4.03 0.25
CA ILE A 83 -14.17 3.98 1.19
C ILE A 83 -14.45 4.77 2.48
N TYR A 84 -15.01 5.97 2.32
CA TYR A 84 -15.29 6.86 3.45
C TYR A 84 -16.34 6.37 4.46
N GLN A 85 -17.03 5.26 4.14
CA GLN A 85 -18.05 4.69 5.03
C GLN A 85 -17.53 3.44 5.77
N LEU A 86 -16.28 3.09 5.53
CA LEU A 86 -15.63 1.98 6.22
C LEU A 86 -15.13 2.44 7.59
N PRO A 87 -15.54 1.75 8.67
CA PRO A 87 -15.09 2.12 10.02
C PRO A 87 -13.63 1.75 10.33
N GLY A 88 -13.07 2.40 11.35
CA GLY A 88 -11.76 2.05 11.89
C GLY A 88 -10.61 2.66 11.12
N HIS A 89 -9.42 2.09 11.31
CA HIS A 89 -8.25 2.52 10.54
C HIS A 89 -8.23 1.83 9.18
N VAL A 90 -8.35 2.63 8.13
CA VAL A 90 -8.39 2.13 6.75
C VAL A 90 -7.07 2.45 6.06
N PHE A 91 -6.44 1.43 5.50
CA PHE A 91 -5.22 1.59 4.71
C PHE A 91 -5.49 1.39 3.23
N ILE A 92 -5.18 2.41 2.44
CA ILE A 92 -5.19 2.27 0.98
C ILE A 92 -3.96 1.46 0.59
N PHE A 93 -4.19 0.28 -0.02
CA PHE A 93 -3.19 -0.79 -0.09
C PHE A 93 -2.62 -0.96 -1.51
N GLY A 94 -3.13 -0.15 -2.44
CA GLY A 94 -2.68 -0.21 -3.85
C GLY A 94 -3.75 -0.67 -4.81
N GLY A 95 -3.44 -0.72 -6.11
CA GLY A 95 -2.10 -0.44 -6.63
C GLY A 95 -2.02 0.97 -7.18
N GLN A 96 -1.38 1.12 -8.33
CA GLN A 96 -1.15 2.48 -8.88
C GLN A 96 -2.43 3.29 -8.98
N THR A 97 -3.48 2.68 -9.51
CA THR A 97 -4.72 3.38 -9.74
C THR A 97 -5.32 3.89 -8.43
N LEU A 98 -5.39 3.01 -7.43
CA LEU A 98 -5.86 3.43 -6.10
C LEU A 98 -5.03 4.55 -5.48
N PHE A 99 -3.71 4.43 -5.55
CA PHE A 99 -2.83 5.46 -4.99
C PHE A 99 -3.08 6.81 -5.66
N GLU A 100 -3.18 6.80 -6.98
CA GLU A 100 -3.42 8.02 -7.75
C GLU A 100 -4.73 8.67 -7.33
N GLU A 101 -5.76 7.84 -7.10
CA GLU A 101 -7.07 8.33 -6.73
C GLU A 101 -7.14 8.85 -5.30
N MET A 102 -6.24 8.37 -4.43
CA MET A 102 -6.38 8.61 -3.00
C MET A 102 -5.33 9.51 -2.36
N ILE A 103 -4.20 9.74 -3.03
CA ILE A 103 -3.10 10.47 -2.40
C ILE A 103 -3.51 11.86 -1.92
N ASP A 104 -4.41 12.51 -2.65
CA ASP A 104 -4.91 13.83 -2.19
C ASP A 104 -5.94 13.77 -1.06
N LYS A 105 -6.40 12.56 -0.70
CA LYS A 105 -7.50 12.40 0.25
C LYS A 105 -7.08 11.85 1.61
N VAL A 106 -5.92 11.19 1.68
CA VAL A 106 -5.54 10.47 2.89
C VAL A 106 -4.94 11.38 3.95
N ASP A 107 -5.02 10.95 5.21
CA ASP A 107 -4.47 11.70 6.36
C ASP A 107 -2.95 11.63 6.43
N ASP A 108 -2.42 10.46 6.08
CA ASP A 108 -1.00 10.16 6.27
C ASP A 108 -0.64 9.01 5.35
N MET A 109 0.66 8.75 5.27
CA MET A 109 1.22 7.68 4.46
C MET A 109 2.29 6.92 5.22
N TYR A 110 2.26 5.60 5.11
CA TYR A 110 3.30 4.73 5.64
C TYR A 110 4.02 4.18 4.42
N ILE A 111 5.20 4.74 4.18
CA ILE A 111 5.96 4.40 2.97
C ILE A 111 7.18 3.59 3.35
N THR A 112 7.43 2.51 2.62
CA THR A 112 8.72 1.86 2.64
C THR A 112 9.48 2.33 1.41
N VAL A 113 10.48 3.17 1.61
CA VAL A 113 11.35 3.57 0.50
C VAL A 113 12.37 2.45 0.26
N ILE A 114 12.27 1.85 -0.92
CA ILE A 114 13.19 0.80 -1.34
C ILE A 114 14.35 1.53 -2.01
N GLU A 115 15.53 1.50 -1.36
CA GLU A 115 16.63 2.36 -1.78
C GLU A 115 17.44 1.77 -2.93
N GLY A 116 16.73 1.42 -4.00
CA GLY A 116 17.33 0.89 -5.23
C GLY A 116 16.56 1.40 -6.45
N LYS A 117 17.05 1.05 -7.63
CA LYS A 117 16.37 1.40 -8.89
C LYS A 117 16.02 0.11 -9.61
N PHE A 118 14.70 -0.14 -9.70
CA PHE A 118 14.16 -1.37 -10.31
C PHE A 118 13.46 -1.09 -11.62
N ARG A 119 13.33 -2.12 -12.47
CA ARG A 119 12.45 -2.00 -13.64
C ARG A 119 11.02 -2.04 -13.14
N GLY A 120 10.22 -1.04 -13.52
CA GLY A 120 8.79 -1.00 -13.13
C GLY A 120 7.89 -0.72 -14.32
N ASP A 121 6.63 -1.11 -14.18
CA ASP A 121 5.60 -0.69 -15.12
C ASP A 121 4.46 0.06 -14.44
N THR A 122 4.59 0.22 -13.12
CA THR A 122 3.59 0.96 -12.34
C THR A 122 4.32 1.77 -11.26
N PHE A 123 3.75 2.92 -10.94
CA PHE A 123 4.42 3.93 -10.11
C PHE A 123 3.50 4.53 -9.06
N PHE A 124 4.11 4.97 -7.96
CA PHE A 124 3.41 5.78 -6.98
C PHE A 124 3.50 7.22 -7.55
N PRO A 125 2.44 8.04 -7.36
CA PRO A 125 2.46 9.40 -7.88
C PRO A 125 3.49 10.28 -7.17
N PRO A 126 4.04 11.28 -7.88
CA PRO A 126 4.98 12.22 -7.25
C PRO A 126 4.33 12.92 -6.06
N TYR A 127 5.13 13.21 -5.05
CA TYR A 127 4.70 14.00 -3.90
C TYR A 127 5.90 14.78 -3.39
N THR A 128 5.63 15.80 -2.59
CA THR A 128 6.71 16.68 -2.14
C THR A 128 6.70 16.78 -0.63
N PHE A 129 7.88 16.75 0.00
CA PHE A 129 7.98 16.96 1.46
C PHE A 129 7.53 18.33 1.93
N GLU A 130 7.26 19.24 1.00
CA GLU A 130 6.67 20.53 1.37
C GLU A 130 5.26 20.34 1.93
N ASP A 131 4.63 19.22 1.55
CA ASP A 131 3.24 18.95 1.88
C ASP A 131 3.12 17.96 3.04
N TRP A 132 4.24 17.31 3.42
CA TRP A 132 4.21 16.14 4.30
C TRP A 132 5.29 16.24 5.35
N GLU A 133 4.88 16.18 6.61
CA GLU A 133 5.80 16.20 7.74
C GLU A 133 6.30 14.80 8.02
N VAL A 134 7.60 14.66 8.30
CA VAL A 134 8.15 13.32 8.56
C VAL A 134 7.90 13.00 10.05
N ALA A 135 6.86 12.21 10.33
CA ALA A 135 6.54 11.82 11.69
C ALA A 135 7.62 10.86 12.25
N SER A 136 8.16 10.02 11.35
CA SER A 136 9.25 9.12 11.71
C SER A 136 9.92 8.62 10.42
N SER A 137 11.21 8.29 10.56
CA SER A 137 12.02 7.75 9.49
C SER A 137 12.93 6.74 10.17
N VAL A 138 12.80 5.47 9.79
CA VAL A 138 13.50 4.36 10.47
C VAL A 138 14.18 3.51 9.41
N GLU A 139 15.49 3.37 9.50
CA GLU A 139 16.20 2.51 8.55
C GLU A 139 15.86 1.04 8.80
N GLY A 140 15.59 0.30 7.73
CA GLY A 140 15.31 -1.11 7.89
C GLY A 140 16.62 -1.85 8.11
N LYS A 141 16.57 -2.93 8.87
CA LYS A 141 17.76 -3.71 9.14
C LYS A 141 18.00 -4.72 8.03
N LEU A 142 19.26 -4.84 7.63
CA LEU A 142 19.62 -5.75 6.54
C LEU A 142 20.22 -7.04 7.06
N ASP A 143 19.99 -8.11 6.32
CA ASP A 143 20.55 -9.42 6.64
C ASP A 143 20.55 -10.29 5.40
N GLU A 144 20.80 -11.59 5.58
CA GLU A 144 20.81 -12.56 4.48
C GLU A 144 19.49 -12.61 3.70
N LYS A 145 18.36 -12.49 4.41
CA LYS A 145 17.04 -12.54 3.76
C LYS A 145 16.57 -11.18 3.23
N ASN A 146 17.20 -10.10 3.70
CA ASN A 146 16.75 -8.73 3.44
C ASN A 146 17.92 -7.85 3.08
N THR A 147 18.23 -7.80 1.80
CA THR A 147 19.52 -7.36 1.36
C THR A 147 19.46 -6.00 0.63
N ILE A 148 18.24 -5.51 0.41
CA ILE A 148 18.02 -4.21 -0.24
C ILE A 148 17.82 -3.14 0.85
N PRO A 149 18.63 -2.06 0.87
CA PRO A 149 18.41 -1.01 1.87
C PRO A 149 17.01 -0.43 1.72
N HIS A 150 16.38 -0.14 2.85
CA HIS A 150 15.03 0.41 2.84
C HIS A 150 14.82 1.26 4.05
N THR A 151 13.90 2.22 3.93
CA THR A 151 13.59 3.09 5.06
C THR A 151 12.07 3.17 5.21
N PHE A 152 11.59 3.04 6.45
CA PHE A 152 10.18 3.15 6.77
C PHE A 152 9.91 4.60 7.15
N LEU A 153 9.11 5.28 6.33
CA LEU A 153 8.70 6.67 6.58
C LEU A 153 7.24 6.68 7.01
N HIS A 154 6.93 7.49 8.01
CA HIS A 154 5.55 7.82 8.29
C HIS A 154 5.40 9.33 8.05
N LEU A 155 4.61 9.68 7.02
CA LEU A 155 4.39 11.07 6.62
C LEU A 155 2.97 11.48 6.95
N ILE A 156 2.83 12.70 7.49
CA ILE A 156 1.52 13.21 7.87
C ILE A 156 1.31 14.51 7.10
N ARG A 157 0.14 14.65 6.49
CA ARG A 157 -0.13 15.82 5.66
C ARG A 157 -0.09 17.08 6.53
N LYS A 158 0.66 18.07 6.06
CA LYS A 158 0.82 19.34 6.78
C LYS A 158 -0.48 20.13 6.71
C1 Q27 B . 1.59 -2.08 0.27
N2 Q27 B . 2.63 -1.54 0.96
C3 Q27 B . 3.77 -2.23 1.22
N4 Q27 B . 3.95 -3.51 0.82
C5 Q27 B . 2.98 -4.18 0.13
C6 Q27 B . 1.72 -3.49 -0.18
C7 Q27 B . 3.14 -5.51 -0.24
C8 Q27 B . 2.10 -6.13 -0.95
C9 Q27 B . 0.84 -5.45 -1.26
C10 Q27 B . 0.66 -4.12 -0.87
N11 Q27 B . 0.48 -1.39 -0.02
N12 Q27 B . 4.78 -1.63 1.91
C13 Q27 B . -0.29 -6.13 -2.02
C14 Q27 B . 2.20 -7.55 -1.35
C15 Q27 B . 2.35 -8.01 -2.74
C16 Q27 B . 2.39 -9.39 -2.99
C17 Q27 B . 2.30 -10.32 -1.95
C18 Q27 B . 2.15 -9.96 -0.61
C19 Q27 B . 2.07 -8.53 -0.25
C20 Q27 B . 1.91 -8.12 1.08
C21 Q27 B . 1.82 -9.08 2.10
C22 Q27 B . 1.89 -10.44 1.76
C23 Q27 B . 2.05 -10.88 0.44
O24 Q27 B . 2.41 -7.03 -3.71
C25 Q27 B . 2.12 -7.37 -5.08
C26 Q27 B . 0.99 -6.51 -5.59
PA NAP C . -4.85 -1.85 -9.08
O1A NAP C . -4.88 -0.44 -8.64
O2A NAP C . -4.40 -2.87 -8.11
O5B NAP C . -6.27 -2.32 -9.63
C5B NAP C . -6.86 -1.63 -10.72
C4B NAP C . -8.31 -2.04 -10.74
O4B NAP C . -8.93 -1.51 -9.58
C3B NAP C . -9.10 -1.43 -11.90
O3B NAP C . -8.89 -2.04 -13.14
C2B NAP C . -10.50 -1.57 -11.35
O2B NAP C . -10.87 -2.94 -11.37
C1B NAP C . -10.28 -1.23 -9.88
N9A NAP C . -10.57 0.20 -9.60
C8A NAP C . -9.71 1.23 -9.30
N7A NAP C . -10.42 2.37 -9.08
C5A NAP C . -11.74 2.06 -9.27
C6A NAP C . -12.92 2.81 -9.20
N6A NAP C . -12.88 4.10 -8.90
N1A NAP C . -14.14 2.19 -9.44
C2A NAP C . -14.21 0.85 -9.74
N3A NAP C . -13.05 0.11 -9.81
C4A NAP C . -11.84 0.71 -9.59
O3 NAP C . -4.02 -1.93 -10.45
PN NAP C . -2.72 -1.20 -11.03
O1N NAP C . -2.99 0.26 -11.01
O2N NAP C . -2.35 -1.83 -12.31
O5D NAP C . -1.59 -1.50 -9.92
C5D NAP C . -1.07 -2.82 -9.81
C4D NAP C . 0.44 -2.76 -9.62
O4D NAP C . 0.69 -2.22 -8.32
C3D NAP C . 1.07 -4.15 -9.67
O3D NAP C . 2.33 -4.11 -10.36
C2D NAP C . 1.28 -4.50 -8.22
O2D NAP C . 2.34 -5.40 -8.03
C1D NAP C . 1.59 -3.11 -7.68
N1N NAP C . 1.38 -2.87 -6.25
C2N NAP C . 2.45 -2.38 -5.59
C3N NAP C . 2.34 -2.09 -4.25
C7N NAP C . 3.53 -1.55 -3.52
O7N NAP C . 3.27 -0.85 -2.37
N7N NAP C . 4.78 -1.70 -3.94
C4N NAP C . 1.09 -2.25 -3.60
C5N NAP C . 0.00 -2.77 -4.30
C6N NAP C . 0.14 -3.06 -5.65
P2B NAP C . -11.80 -3.55 -12.54
O1X NAP C . -12.10 -4.98 -12.10
O2X NAP C . -13.04 -2.67 -12.59
O3X NAP C . -11.01 -3.55 -13.85
#